data_5QQL
#
_entry.id   5QQL
#
_cell.length_a   62.308
_cell.length_b   62.308
_cell.length_c   340.951
_cell.angle_alpha   90.000
_cell.angle_beta   90.000
_cell.angle_gamma   120.000
#
_symmetry.space_group_name_H-M   'P 65 2 2'
#
loop_
_entity.id
_entity.type
_entity.pdbx_description
1 polymer 'Ras-related C3 botulinum toxin substrate 1'
2 polymer Kalirin
3 non-polymer 1,2-ETHANEDIOL
4 non-polymer "N-(5-methyl-1,2-oxazol-3-yl)-N'-[2-(phenylsulfonyl)ethyl]urea"
5 water water
#
loop_
_entity_poly.entity_id
_entity_poly.type
_entity_poly.pdbx_seq_one_letter_code
_entity_poly.pdbx_strand_id
1 'polypeptide(L)'
;SMQAIKCVVVGDGAVGKTCLLISYTTNAFPGEYIPTVFDNYSANVMVDGKPVNLGLWDTAGQEDYDRLRPLSYPQTDVFL
ICFSLVSPASFENVRAKWYPEVRHHCPNTPIILVGTKLDLRDDKDTIEKLKEKKLTPITYPQGLAMAKEIGAVKYLECSA
LTQRGLKTVFDEAIRAVL
;
A
2 'polypeptide(L)'
;SMRKKEFIMAELLQTEKAYVRDLHECLETYLWEMTSGVEEIPPGILNKEHIIFGNIQEIYDFHNNIFLKELEKYEQLPED
VGHCFVTWADKFQMYVTYCKNKPDSNQLILEHAGTFFDEIQQRHGLANSISSYLIKPVQRVTKYQLLLKELLTCCEEGKG
ELKDGLEVMLSVPKKANDAMHV
;
B
#
# COMPACT_ATOMS: atom_id res chain seq x y z
N MET A 2 -5.38 -18.34 16.61
CA MET A 2 -4.46 -17.19 16.87
C MET A 2 -4.98 -15.89 16.24
N GLN A 3 -4.85 -14.78 16.97
CA GLN A 3 -5.41 -13.48 16.51
C GLN A 3 -4.59 -12.85 15.37
N ALA A 4 -5.29 -12.61 14.25
CA ALA A 4 -4.75 -11.94 13.05
C ALA A 4 -5.18 -10.46 13.07
N ILE A 5 -4.24 -9.57 12.72
CA ILE A 5 -4.44 -8.12 12.83
C ILE A 5 -4.12 -7.39 11.53
N LYS A 6 -5.12 -6.79 10.90
CA LYS A 6 -4.87 -5.98 9.75
C LYS A 6 -4.56 -4.56 10.24
N CYS A 7 -3.38 -4.06 9.84
CA CYS A 7 -2.96 -2.67 10.14
C CYS A 7 -2.58 -1.90 8.87
N VAL A 8 -3.35 -0.85 8.62
CA VAL A 8 -3.16 0.01 7.46
C VAL A 8 -2.48 1.30 7.89
N VAL A 9 -1.51 1.72 7.07
CA VAL A 9 -0.68 2.89 7.29
C VAL A 9 -0.99 3.92 6.22
N VAL A 10 -1.48 5.08 6.64
CA VAL A 10 -1.90 6.18 5.79
C VAL A 10 -1.16 7.46 6.14
N GLY A 11 -1.24 8.45 5.25
CA GLY A 11 -0.48 9.72 5.41
C GLY A 11 0.08 10.20 4.08
N ASP A 12 0.68 11.38 4.08
CA ASP A 12 1.24 11.96 2.86
C ASP A 12 2.49 11.23 2.41
N GLY A 13 2.85 11.36 1.13
CA GLY A 13 4.13 10.84 0.63
C GLY A 13 5.32 11.20 1.53
N ALA A 14 5.36 12.45 1.98
CA ALA A 14 6.40 12.95 2.88
C ALA A 14 6.61 12.25 4.25
N VAL A 15 5.73 11.35 4.67
CA VAL A 15 5.99 10.60 5.92
C VAL A 15 7.10 9.52 5.74
N GLY A 16 7.23 8.97 4.53
CA GLY A 16 8.13 7.83 4.29
C GLY A 16 7.48 6.52 4.74
N LYS A 17 6.23 6.35 4.30
CA LYS A 17 5.43 5.19 4.69
C LYS A 17 6.14 3.90 4.37
N THR A 18 6.55 3.76 3.10
CA THR A 18 7.21 2.56 2.65
C THR A 18 8.48 2.32 3.42
N CYS A 19 9.24 3.38 3.62
CA CYS A 19 10.51 3.31 4.33
C CYS A 19 10.37 2.88 5.78
N LEU A 20 9.36 3.44 6.42
CA LEU A 20 8.99 3.11 7.76
C LEU A 20 8.74 1.63 7.94
N LEU A 21 7.96 1.07 7.01
CA LEU A 21 7.51 -0.31 7.10
C LEU A 21 8.62 -1.23 6.79
N ILE A 22 9.42 -0.83 5.80
CA ILE A 22 10.58 -1.61 5.43
C ILE A 22 11.54 -1.58 6.58
N SER A 23 11.70 -0.43 7.22
CA SER A 23 12.69 -0.35 8.27
C SER A 23 12.25 -1.15 9.48
N TYR A 24 10.96 -1.06 9.81
CA TYR A 24 10.43 -1.92 10.85
C TYR A 24 10.63 -3.41 10.58
N THR A 25 10.33 -3.86 9.35
CA THR A 25 10.30 -5.30 9.07
C THR A 25 11.64 -5.94 8.85
N THR A 26 12.56 -5.19 8.28
CA THR A 26 13.92 -5.69 8.06
C THR A 26 14.85 -5.42 9.24
N ASN A 27 14.38 -4.62 10.20
CA ASN A 27 15.17 -4.16 11.36
C ASN A 27 16.31 -3.23 10.95
N ALA A 28 16.11 -2.43 9.92
CA ALA A 28 17.20 -1.64 9.39
C ALA A 28 16.68 -0.66 8.37
N PHE A 29 17.13 0.59 8.47
CA PHE A 29 16.89 1.60 7.47
C PHE A 29 17.56 1.10 6.21
N PRO A 30 16.84 1.12 5.07
CA PRO A 30 17.36 0.51 3.83
C PRO A 30 18.60 1.22 3.22
N GLY A 31 18.76 2.52 3.48
CA GLY A 31 20.05 3.22 3.35
C GLY A 31 20.52 3.48 1.95
N GLU A 32 21.20 2.49 1.37
CA GLU A 32 21.61 2.52 -0.03
C GLU A 32 20.42 3.02 -0.87
N TYR A 33 19.43 2.15 -1.09
CA TYR A 33 18.33 2.43 -2.00
C TYR A 33 17.07 2.37 -1.16
N ILE A 34 16.24 3.41 -1.16
CA ILE A 34 14.89 3.31 -0.53
C ILE A 34 13.84 2.71 -1.51
N PRO A 35 13.43 1.45 -1.31
CA PRO A 35 12.45 0.85 -2.24
C PRO A 35 11.13 1.60 -2.28
N THR A 36 10.48 1.57 -3.45
CA THR A 36 9.18 2.21 -3.52
C THR A 36 8.05 1.19 -3.24
N VAL A 37 8.40 -0.08 -3.07
CA VAL A 37 7.37 -1.10 -2.92
C VAL A 37 7.51 -1.87 -1.64
N PHE A 38 6.46 -1.84 -0.84
CA PHE A 38 6.29 -2.69 0.32
C PHE A 38 5.01 -3.48 0.08
N ASP A 39 5.15 -4.79 -0.09
CA ASP A 39 4.00 -5.65 -0.38
C ASP A 39 3.43 -6.06 0.95
N ASN A 40 2.09 -6.21 0.97
CA ASN A 40 1.35 -6.58 2.18
C ASN A 40 2.10 -7.65 2.93
N TYR A 41 2.23 -7.48 4.25
CA TYR A 41 3.16 -8.29 5.03
C TYR A 41 2.39 -8.86 6.20
N SER A 42 2.74 -10.05 6.61
CA SER A 42 2.28 -10.51 7.90
C SER A 42 3.37 -11.32 8.56
N ALA A 43 3.40 -11.26 9.87
CA ALA A 43 4.40 -11.93 10.63
C ALA A 43 3.88 -12.08 12.04
N ASN A 44 4.28 -13.20 12.67
CA ASN A 44 4.00 -13.49 14.07
C ASN A 44 4.98 -12.71 14.94
N VAL A 45 4.42 -11.97 15.90
CA VAL A 45 5.19 -11.34 16.99
C VAL A 45 4.48 -11.64 18.32
N MET A 46 5.22 -11.52 19.44
CA MET A 46 4.67 -11.73 20.80
C MET A 46 4.53 -10.37 21.48
N VAL A 47 3.33 -10.12 22.00
CA VAL A 47 3.00 -8.88 22.68
C VAL A 47 2.32 -9.19 24.01
N ASP A 48 2.91 -8.64 25.09
CA ASP A 48 2.54 -8.96 26.48
C ASP A 48 2.47 -10.48 26.62
N GLY A 49 3.54 -11.16 26.21
CA GLY A 49 3.57 -12.63 26.12
C GLY A 49 2.83 -13.17 24.89
N LYS A 50 1.49 -13.06 24.91
CA LYS A 50 0.56 -13.60 23.90
C LYS A 50 0.96 -13.35 22.45
N PRO A 51 1.41 -14.40 21.70
CA PRO A 51 1.75 -14.22 20.28
C PRO A 51 0.59 -13.81 19.35
N VAL A 52 0.93 -13.06 18.31
CA VAL A 52 -0.04 -12.39 17.42
C VAL A 52 0.44 -12.37 15.97
N ASN A 53 -0.47 -12.56 15.02
CA ASN A 53 -0.14 -12.39 13.61
C ASN A 53 -0.51 -10.98 13.18
N LEU A 54 0.51 -10.19 12.88
CA LEU A 54 0.33 -8.79 12.58
C LEU A 54 0.40 -8.57 11.08
N GLY A 55 -0.62 -7.95 10.50
CA GLY A 55 -0.68 -7.67 9.07
C GLY A 55 -0.51 -6.20 8.77
N LEU A 56 0.38 -5.88 7.81
CA LEU A 56 0.76 -4.51 7.47
C LEU A 56 0.53 -4.25 6.00
N TRP A 57 -0.30 -3.24 5.72
CA TRP A 57 -0.57 -2.81 4.39
C TRP A 57 -0.06 -1.36 4.25
N ASP A 58 0.79 -1.15 3.24
CA ASP A 58 1.20 0.18 2.75
C ASP A 58 0.08 0.80 1.90
N THR A 59 0.10 2.12 1.73
CA THR A 59 -0.83 2.82 0.85
C THR A 59 -0.13 3.83 -0.11
N ALA A 60 1.20 3.74 -0.23
CA ALA A 60 1.93 4.72 -0.99
C ALA A 60 1.60 4.55 -2.47
N GLY A 61 1.53 5.67 -3.18
CA GLY A 61 1.09 5.71 -4.55
C GLY A 61 -0.34 6.17 -4.68
N GLN A 62 -1.15 5.93 -3.67
CA GLN A 62 -2.59 6.17 -3.74
C GLN A 62 -3.01 7.55 -3.24
N GLU A 63 -2.03 8.40 -2.93
CA GLU A 63 -2.27 9.69 -2.27
C GLU A 63 -3.07 10.63 -3.15
N ASP A 64 -3.06 10.48 -4.47
CA ASP A 64 -3.92 11.33 -5.31
C ASP A 64 -5.26 10.70 -5.72
N TYR A 65 -5.59 9.53 -5.17
CA TYR A 65 -6.75 8.77 -5.64
C TYR A 65 -7.79 8.62 -4.50
N ASP A 66 -8.63 9.64 -4.37
CA ASP A 66 -9.54 9.77 -3.23
C ASP A 66 -10.51 8.62 -3.09
N ARG A 67 -11.00 8.10 -4.21
CA ARG A 67 -11.89 6.93 -4.26
C ARG A 67 -11.23 5.57 -4.33
N LEU A 68 -9.94 5.50 -4.60
CA LEU A 68 -9.21 4.23 -4.57
C LEU A 68 -8.70 3.90 -3.20
N ARG A 69 -8.21 4.89 -2.45
CA ARG A 69 -7.62 4.60 -1.11
C ARG A 69 -8.53 3.83 -0.14
N PRO A 70 -9.83 4.19 -0.10
CA PRO A 70 -10.74 3.52 0.83
C PRO A 70 -11.01 2.07 0.49
N LEU A 71 -10.67 1.62 -0.72
CA LEU A 71 -10.70 0.19 -1.03
C LEU A 71 -9.92 -0.63 -0.02
N SER A 72 -8.80 -0.10 0.47
CA SER A 72 -8.02 -0.80 1.52
C SER A 72 -8.61 -0.70 2.94
N TYR A 73 -9.60 0.15 3.15
CA TYR A 73 -10.06 0.46 4.52
C TYR A 73 -10.89 -0.57 5.30
N PRO A 74 -11.93 -1.15 4.66
CA PRO A 74 -12.78 -2.11 5.36
C PRO A 74 -12.02 -3.25 6.08
N GLN A 75 -12.52 -3.64 7.26
CA GLN A 75 -12.02 -4.75 8.04
C GLN A 75 -10.63 -4.52 8.63
N THR A 76 -10.24 -3.25 8.72
CA THR A 76 -9.00 -2.86 9.36
C THR A 76 -9.20 -2.89 10.86
N ASP A 77 -8.26 -3.52 11.54
CA ASP A 77 -8.26 -3.55 13.00
C ASP A 77 -7.63 -2.30 13.63
N VAL A 78 -6.60 -1.73 12.96
CA VAL A 78 -6.00 -0.48 13.45
C VAL A 78 -5.30 0.32 12.34
N PHE A 79 -5.45 1.63 12.42
CA PHE A 79 -4.79 2.53 11.52
C PHE A 79 -3.64 3.24 12.19
N LEU A 80 -2.55 3.34 11.44
CA LEU A 80 -1.50 4.32 11.69
C LEU A 80 -1.72 5.52 10.76
N ILE A 81 -2.04 6.67 11.36
CA ILE A 81 -2.09 7.90 10.60
C ILE A 81 -0.79 8.63 10.87
N CYS A 82 -0.06 8.86 9.78
CA CYS A 82 1.27 9.40 9.87
C CYS A 82 1.39 10.78 9.29
N PHE A 83 2.31 11.54 9.88
CA PHE A 83 2.78 12.79 9.31
C PHE A 83 4.29 12.83 9.59
N SER A 84 5.03 13.58 8.80
CA SER A 84 6.45 13.82 9.05
C SER A 84 6.57 15.02 9.98
N LEU A 85 7.38 14.82 11.03
CA LEU A 85 7.70 15.86 12.02
C LEU A 85 8.39 17.09 11.48
N VAL A 86 8.99 16.96 10.30
CA VAL A 86 9.59 18.09 9.62
C VAL A 86 8.82 18.46 8.35
N SER A 87 7.52 18.16 8.32
CA SER A 87 6.59 18.71 7.32
C SER A 87 5.28 19.14 8.01
N PRO A 88 5.15 20.43 8.36
CA PRO A 88 3.91 21.06 8.78
C PRO A 88 2.68 20.78 7.87
N ALA A 89 2.90 20.70 6.56
CA ALA A 89 1.82 20.37 5.63
C ALA A 89 1.26 18.99 5.91
N SER A 90 2.16 17.99 6.03
CA SER A 90 1.76 16.59 6.32
C SER A 90 0.96 16.50 7.62
N PHE A 91 1.42 17.22 8.64
CA PHE A 91 0.73 17.32 9.95
C PHE A 91 -0.68 17.87 9.79
N GLU A 92 -0.81 19.02 9.14
CA GLU A 92 -2.12 19.58 8.86
C GLU A 92 -3.02 18.66 8.07
N ASN A 93 -2.42 17.85 7.20
CA ASN A 93 -3.20 16.89 6.41
C ASN A 93 -3.83 15.79 7.22
N VAL A 94 -3.27 15.52 8.40
CA VAL A 94 -3.87 14.54 9.30
C VAL A 94 -5.33 14.98 9.52
N ARG A 95 -5.46 16.25 9.87
CA ARG A 95 -6.74 16.84 10.15
C ARG A 95 -7.59 17.02 8.90
N ALA A 96 -6.98 17.51 7.83
CA ALA A 96 -7.73 17.91 6.63
C ALA A 96 -8.15 16.75 5.74
N LYS A 97 -7.33 15.70 5.68
CA LYS A 97 -7.48 14.63 4.69
C LYS A 97 -7.60 13.24 5.30
N TRP A 98 -6.64 12.88 6.17
CA TRP A 98 -6.51 11.49 6.61
C TRP A 98 -7.59 11.10 7.59
N TYR A 99 -7.68 11.80 8.71
CA TYR A 99 -8.65 11.46 9.75
C TYR A 99 -10.13 11.42 9.24
N PRO A 100 -10.55 12.43 8.45
CA PRO A 100 -11.88 12.41 7.91
C PRO A 100 -12.26 11.16 7.09
N GLU A 101 -11.41 10.76 6.16
CA GLU A 101 -11.73 9.63 5.33
C GLU A 101 -11.62 8.35 6.14
N VAL A 102 -10.71 8.30 7.08
CA VAL A 102 -10.60 7.09 7.90
C VAL A 102 -11.82 6.97 8.79
N ARG A 103 -12.27 8.07 9.41
CA ARG A 103 -13.49 7.99 10.21
C ARG A 103 -14.74 7.72 9.40
N HIS A 104 -14.86 8.41 8.27
CA HIS A 104 -16.02 8.20 7.42
C HIS A 104 -16.26 6.74 7.06
N HIS A 105 -15.20 5.95 6.93
CA HIS A 105 -15.32 4.57 6.48
C HIS A 105 -15.23 3.58 7.60
N CYS A 106 -14.48 3.91 8.65
CA CYS A 106 -14.20 2.98 9.70
C CYS A 106 -14.37 3.74 10.99
N PRO A 107 -15.64 3.98 11.36
CA PRO A 107 -15.87 4.87 12.48
C PRO A 107 -15.38 4.38 13.85
N ASN A 108 -15.25 3.09 14.07
CA ASN A 108 -14.93 2.55 15.41
C ASN A 108 -13.55 1.91 15.47
N THR A 109 -12.74 2.11 14.44
CA THR A 109 -11.42 1.52 14.36
C THR A 109 -10.38 2.45 15.03
N PRO A 110 -9.54 1.89 15.89
CA PRO A 110 -8.56 2.74 16.57
C PRO A 110 -7.47 3.27 15.65
N ILE A 111 -7.04 4.50 15.95
CA ILE A 111 -6.03 5.23 15.24
C ILE A 111 -4.86 5.47 16.16
N ILE A 112 -3.67 5.24 15.66
CA ILE A 112 -2.48 5.72 16.31
C ILE A 112 -1.92 6.82 15.47
N LEU A 113 -1.62 7.95 16.09
CA LEU A 113 -0.98 9.05 15.39
C LEU A 113 0.52 8.87 15.51
N VAL A 114 1.20 8.80 14.36
CA VAL A 114 2.63 8.57 14.29
C VAL A 114 3.29 9.78 13.61
N GLY A 115 4.15 10.47 14.34
CA GLY A 115 5.06 11.48 13.76
C GLY A 115 6.34 10.76 13.38
N THR A 116 6.73 10.82 12.08
CA THR A 116 7.94 10.13 11.55
C THR A 116 9.02 11.17 11.37
N LYS A 117 10.23 10.71 11.02
CA LYS A 117 11.40 11.57 10.76
C LYS A 117 11.83 12.38 11.98
N LEU A 118 11.82 11.71 13.12
CA LEU A 118 12.23 12.34 14.38
C LEU A 118 13.68 12.77 14.35
N ASP A 119 14.51 11.98 13.66
CA ASP A 119 15.93 12.31 13.44
C ASP A 119 16.22 13.64 12.72
N LEU A 120 15.31 14.12 11.88
CA LEU A 120 15.43 15.44 11.24
C LEU A 120 14.93 16.64 12.06
N ARG A 121 14.23 16.42 13.17
CA ARG A 121 13.72 17.54 13.99
C ARG A 121 14.85 18.35 14.66
N ASP A 122 15.98 17.70 14.94
CA ASP A 122 17.21 18.35 15.43
C ASP A 122 18.28 18.52 14.34
N ASP A 123 17.87 18.73 13.10
CA ASP A 123 18.83 18.75 11.99
C ASP A 123 18.94 20.15 11.40
N LYS A 124 20.13 20.76 11.51
CA LYS A 124 20.39 22.16 11.09
C LYS A 124 19.87 22.45 9.69
N ASP A 125 20.33 21.64 8.74
CA ASP A 125 19.95 21.82 7.35
C ASP A 125 18.43 21.75 7.12
N THR A 126 17.79 20.78 7.76
CA THR A 126 16.31 20.69 7.73
C THR A 126 15.64 21.91 8.41
N ILE A 127 16.11 22.23 9.62
CA ILE A 127 15.60 23.35 10.40
C ILE A 127 15.74 24.64 9.60
N GLU A 128 16.90 24.86 9.00
CA GLU A 128 17.14 26.01 8.12
C GLU A 128 16.27 25.98 6.87
N LYS A 129 16.14 24.81 6.24
CA LYS A 129 15.28 24.71 5.09
C LYS A 129 13.87 25.16 5.51
N LEU A 130 13.44 24.75 6.71
CA LEU A 130 12.14 25.16 7.26
C LEU A 130 12.05 26.67 7.64
N LYS A 131 13.10 27.19 8.28
CA LYS A 131 13.13 28.61 8.68
C LYS A 131 12.92 29.52 7.46
N GLU A 132 13.50 29.12 6.33
CA GLU A 132 13.37 29.84 5.06
C GLU A 132 11.92 29.98 4.59
N LYS A 133 11.07 29.01 4.88
CA LYS A 133 9.64 29.12 4.58
C LYS A 133 8.77 29.70 5.74
N LYS A 134 9.40 30.36 6.71
CA LYS A 134 8.71 30.87 7.91
C LYS A 134 7.90 29.75 8.63
N LEU A 135 8.57 28.60 8.83
CA LEU A 135 8.00 27.40 9.50
C LEU A 135 8.98 26.79 10.51
N THR A 136 8.50 25.89 11.38
CA THR A 136 9.37 25.10 12.28
C THR A 136 8.92 23.63 12.27
N PRO A 137 9.77 22.72 12.79
CA PRO A 137 9.33 21.35 12.94
C PRO A 137 8.16 21.25 13.89
N ILE A 138 7.51 20.10 13.85
CA ILE A 138 6.36 19.82 14.66
C ILE A 138 6.88 19.24 15.92
N THR A 139 6.44 19.84 17.04
CA THR A 139 6.88 19.44 18.38
C THR A 139 5.90 18.54 19.06
N TYR A 140 6.35 18.00 20.18
CA TYR A 140 5.62 17.02 20.90
C TYR A 140 4.21 17.45 21.36
N PRO A 141 4.07 18.61 22.02
CA PRO A 141 2.69 19.03 22.36
C PRO A 141 1.76 19.18 21.15
N GLN A 142 2.31 19.52 19.99
CA GLN A 142 1.50 19.61 18.77
C GLN A 142 0.90 18.25 18.39
N GLY A 143 1.72 17.19 18.47
CA GLY A 143 1.26 15.87 18.16
C GLY A 143 0.22 15.39 19.15
N LEU A 144 0.50 15.54 20.45
CA LEU A 144 -0.49 15.24 21.48
C LEU A 144 -1.82 15.95 21.26
N ALA A 145 -1.77 17.22 20.94
CA ALA A 145 -3.03 17.95 20.76
C ALA A 145 -3.75 17.43 19.48
N MET A 146 -2.99 17.09 18.43
CA MET A 146 -3.63 16.53 17.24
C MET A 146 -4.29 15.20 17.53
N ALA A 147 -3.59 14.38 18.31
CA ALA A 147 -4.10 13.07 18.72
C ALA A 147 -5.44 13.20 19.46
N LYS A 148 -5.51 14.09 20.45
CA LYS A 148 -6.78 14.37 21.15
C LYS A 148 -7.86 14.75 20.18
N GLU A 149 -7.59 15.74 19.34
CA GLU A 149 -8.57 16.22 18.39
C GLU A 149 -9.21 15.14 17.49
N ILE A 150 -8.47 14.08 17.16
CA ILE A 150 -8.95 13.04 16.23
C ILE A 150 -9.41 11.77 16.89
N GLY A 151 -9.22 11.64 18.20
CA GLY A 151 -9.52 10.42 18.89
C GLY A 151 -8.45 9.35 18.80
N ALA A 152 -7.18 9.73 18.66
CA ALA A 152 -6.13 8.73 18.60
C ALA A 152 -5.92 8.13 19.97
N VAL A 153 -5.71 6.84 20.02
CA VAL A 153 -5.44 6.21 21.30
C VAL A 153 -4.03 6.58 21.78
N LYS A 154 -3.10 6.82 20.86
CA LYS A 154 -1.76 7.23 21.24
C LYS A 154 -1.25 8.18 20.21
N TYR A 155 -0.36 9.07 20.64
CA TYR A 155 0.51 9.80 19.76
C TYR A 155 1.89 9.25 20.04
N LEU A 156 2.56 8.84 18.97
CA LEU A 156 3.91 8.27 19.05
C LEU A 156 4.87 8.90 18.04
N GLU A 157 6.11 9.11 18.43
CA GLU A 157 7.13 9.63 17.53
C GLU A 157 8.16 8.52 17.21
N CYS A 158 8.68 8.56 15.98
CA CYS A 158 9.71 7.59 15.57
C CYS A 158 10.59 8.08 14.44
N SER A 159 11.72 7.38 14.31
CA SER A 159 12.61 7.45 13.15
C SER A 159 12.82 6.06 12.52
N ALA A 160 12.55 5.93 11.22
CA ALA A 160 13.02 4.75 10.47
C ALA A 160 14.56 4.69 10.41
N LEU A 161 15.20 5.86 10.43
CA LEU A 161 16.66 5.96 10.30
C LEU A 161 17.42 5.42 11.53
N THR A 162 17.05 5.93 12.70
CA THR A 162 17.70 5.53 13.95
C THR A 162 17.01 4.37 14.67
N GLN A 163 15.84 3.98 14.15
CA GLN A 163 14.93 2.98 14.74
C GLN A 163 14.26 3.38 16.05
N ARG A 164 14.33 4.67 16.38
CA ARG A 164 13.93 5.15 17.68
C ARG A 164 12.42 5.27 17.66
N GLY A 165 11.76 4.65 18.66
CA GLY A 165 10.30 4.56 18.74
C GLY A 165 9.59 3.65 17.73
N LEU A 166 10.35 2.91 16.93
CA LEU A 166 9.77 2.19 15.80
C LEU A 166 9.04 0.92 16.25
N LYS A 167 9.76 0.03 16.94
CA LYS A 167 9.18 -1.19 17.52
C LYS A 167 7.97 -0.85 18.34
N THR A 168 8.09 0.22 19.15
CA THR A 168 7.00 0.69 20.02
C THR A 168 5.74 1.04 19.25
N VAL A 169 5.89 1.79 18.15
CA VAL A 169 4.75 2.08 17.27
C VAL A 169 3.91 0.86 16.99
N PHE A 170 4.55 -0.22 16.58
CA PHE A 170 3.80 -1.39 16.15
C PHE A 170 3.32 -2.21 17.34
N ASP A 171 4.13 -2.30 18.39
CA ASP A 171 3.65 -2.84 19.69
C ASP A 171 2.38 -2.19 20.13
N GLU A 172 2.38 -0.88 20.13
CA GLU A 172 1.20 -0.15 20.52
C GLU A 172 0.04 -0.33 19.53
N ALA A 173 0.30 -0.47 18.23
CA ALA A 173 -0.77 -0.79 17.26
C ALA A 173 -1.51 -2.07 17.66
N ILE A 174 -0.74 -3.05 18.09
CA ILE A 174 -1.27 -4.31 18.57
C ILE A 174 -2.01 -4.16 19.91
N ARG A 175 -1.39 -3.49 20.89
CA ARG A 175 -2.03 -3.26 22.18
C ARG A 175 -3.36 -2.55 22.05
N ALA A 176 -3.52 -1.69 21.05
CA ALA A 176 -4.82 -1.05 20.82
C ALA A 176 -5.92 -1.96 20.24
N VAL A 177 -5.61 -3.22 19.93
CA VAL A 177 -6.59 -4.19 19.40
C VAL A 177 -6.88 -5.36 20.35
N LEU A 178 -6.01 -5.63 21.33
CA LEU A 178 -6.23 -6.74 22.27
C LEU A 178 -7.07 -6.37 23.51
N ARG B 3 23.77 4.10 -11.08
CA ARG B 3 23.41 3.04 -10.08
C ARG B 3 21.95 3.15 -9.64
N LYS B 4 21.48 4.37 -9.33
CA LYS B 4 20.11 4.55 -8.89
C LYS B 4 19.09 4.08 -9.93
N LYS B 5 19.28 4.49 -11.19
CA LYS B 5 18.39 4.00 -12.27
C LYS B 5 18.30 2.47 -12.36
N GLU B 6 19.40 1.78 -12.06
CA GLU B 6 19.46 0.31 -12.11
C GLU B 6 18.82 -0.34 -10.87
N PHE B 7 18.97 0.29 -9.70
CA PHE B 7 18.25 -0.13 -8.49
C PHE B 7 16.76 -0.09 -8.78
N ILE B 8 16.29 0.99 -9.38
CA ILE B 8 14.86 1.15 -9.62
C ILE B 8 14.30 0.15 -10.63
N MET B 9 15.02 -0.07 -11.72
CA MET B 9 14.61 -1.05 -12.71
C MET B 9 14.65 -2.39 -12.06
N ALA B 10 15.65 -2.67 -11.24
CA ALA B 10 15.71 -3.96 -10.55
C ALA B 10 14.49 -4.20 -9.63
N GLU B 11 14.01 -3.14 -8.98
CA GLU B 11 12.83 -3.23 -8.13
C GLU B 11 11.63 -3.38 -8.99
N LEU B 12 11.56 -2.59 -10.05
CA LEU B 12 10.42 -2.67 -10.96
C LEU B 12 10.17 -4.11 -11.38
N LEU B 13 11.22 -4.74 -11.89
CA LEU B 13 11.20 -6.13 -12.29
C LEU B 13 10.97 -7.11 -11.16
N GLN B 14 11.68 -7.00 -10.06
CA GLN B 14 11.46 -7.92 -8.96
C GLN B 14 10.03 -7.78 -8.45
N THR B 15 9.50 -6.58 -8.37
CA THR B 15 8.15 -6.44 -7.84
C THR B 15 7.07 -6.90 -8.85
N GLU B 16 7.39 -6.83 -10.13
CA GLU B 16 6.52 -7.31 -11.17
C GLU B 16 6.44 -8.81 -11.07
N LYS B 17 7.56 -9.48 -10.87
CA LYS B 17 7.53 -10.93 -10.76
C LYS B 17 6.66 -11.35 -9.60
N ALA B 18 6.79 -10.64 -8.50
CA ALA B 18 6.04 -10.95 -7.28
C ALA B 18 4.56 -10.75 -7.51
N TYR B 19 4.21 -9.68 -8.18
CA TYR B 19 2.82 -9.42 -8.51
C TYR B 19 2.27 -10.56 -9.35
N VAL B 20 3.03 -11.02 -10.34
CA VAL B 20 2.56 -12.10 -11.19
C VAL B 20 2.41 -13.37 -10.35
N ARG B 21 3.40 -13.64 -9.49
CA ARG B 21 3.33 -14.77 -8.56
C ARG B 21 2.10 -14.67 -7.66
N ASP B 22 1.82 -13.48 -7.12
CA ASP B 22 0.69 -13.29 -6.21
C ASP B 22 -0.65 -13.47 -6.94
N LEU B 23 -0.82 -12.89 -8.13
CA LEU B 23 -2.07 -13.11 -8.84
C LEU B 23 -2.27 -14.61 -9.16
N HIS B 24 -1.22 -15.24 -9.67
CA HIS B 24 -1.23 -16.66 -9.88
C HIS B 24 -1.67 -17.42 -8.65
N GLU B 25 -1.14 -17.08 -7.49
CA GLU B 25 -1.50 -17.78 -6.26
C GLU B 25 -2.99 -17.63 -6.03
N CYS B 26 -3.43 -16.39 -6.06
CA CYS B 26 -4.81 -16.09 -5.87
C CYS B 26 -5.70 -16.92 -6.77
N LEU B 27 -5.40 -16.93 -8.06
CA LEU B 27 -6.21 -17.70 -9.02
C LEU B 27 -6.20 -19.20 -8.73
N GLU B 28 -5.03 -19.73 -8.41
CA GLU B 28 -4.92 -21.17 -8.20
C GLU B 28 -5.25 -21.66 -6.81
N THR B 29 -5.62 -20.77 -5.89
CA THR B 29 -6.07 -21.22 -4.58
C THR B 29 -7.50 -20.79 -4.38
N TYR B 30 -7.70 -19.53 -4.09
CA TYR B 30 -9.03 -19.03 -3.84
C TYR B 30 -9.97 -19.25 -5.02
N LEU B 31 -9.60 -18.86 -6.24
CA LEU B 31 -10.53 -19.01 -7.38
C LEU B 31 -10.74 -20.46 -7.74
N TRP B 32 -9.69 -21.25 -7.66
CA TRP B 32 -9.76 -22.63 -8.09
C TRP B 32 -10.71 -23.44 -7.20
N GLU B 33 -10.55 -23.33 -5.89
CA GLU B 33 -11.46 -23.99 -4.93
C GLU B 33 -12.94 -23.80 -5.25
N MET B 34 -13.32 -22.57 -5.58
CA MET B 34 -14.67 -22.23 -6.00
C MET B 34 -15.13 -22.82 -7.34
N THR B 35 -14.25 -22.77 -8.32
CA THR B 35 -14.59 -23.26 -9.64
C THR B 35 -14.34 -24.76 -9.75
N SER B 36 -13.54 -25.30 -8.84
CA SER B 36 -13.33 -26.73 -8.78
C SER B 36 -14.69 -27.38 -8.64
N GLY B 37 -15.30 -27.17 -7.49
CA GLY B 37 -16.30 -28.09 -6.96
C GLY B 37 -15.56 -29.29 -6.38
N VAL B 38 -14.52 -29.02 -5.59
CA VAL B 38 -13.94 -30.01 -4.69
C VAL B 38 -14.47 -29.71 -3.26
N GLU B 39 -14.71 -28.44 -2.94
CA GLU B 39 -15.21 -28.03 -1.63
C GLU B 39 -16.65 -27.54 -1.79
N GLU B 40 -17.40 -27.55 -0.68
CA GLU B 40 -18.79 -27.09 -0.63
C GLU B 40 -18.87 -25.57 -0.45
N ILE B 41 -19.60 -24.93 -1.38
CA ILE B 41 -19.52 -23.49 -1.62
C ILE B 41 -20.75 -22.77 -1.06
N PRO B 42 -20.56 -21.76 -0.21
CA PRO B 42 -21.73 -21.05 0.30
C PRO B 42 -22.72 -20.57 -0.77
N PRO B 43 -24.02 -20.80 -0.57
CA PRO B 43 -25.00 -20.36 -1.56
C PRO B 43 -25.02 -18.86 -1.78
N GLY B 44 -24.64 -18.11 -0.73
CA GLY B 44 -24.52 -16.66 -0.81
C GLY B 44 -23.60 -16.18 -1.93
N ILE B 45 -22.55 -16.96 -2.23
CA ILE B 45 -21.52 -16.59 -3.23
C ILE B 45 -21.46 -17.45 -4.50
N LEU B 46 -22.43 -18.35 -4.67
CA LEU B 46 -22.32 -19.41 -5.66
C LEU B 46 -22.43 -18.81 -7.06
N ASN B 47 -21.51 -19.20 -7.94
CA ASN B 47 -21.40 -18.65 -9.29
C ASN B 47 -21.32 -17.12 -9.34
N LYS B 48 -20.80 -16.53 -8.26
CA LYS B 48 -20.57 -15.08 -8.17
C LYS B 48 -19.04 -14.81 -8.11
N GLU B 49 -18.27 -15.74 -8.67
CA GLU B 49 -16.83 -15.59 -8.82
C GLU B 49 -16.50 -14.39 -9.70
N HIS B 50 -17.29 -14.12 -10.72
CA HIS B 50 -17.13 -12.86 -11.47
C HIS B 50 -17.23 -11.61 -10.61
N ILE B 51 -18.07 -11.63 -9.59
CA ILE B 51 -18.19 -10.48 -8.66
C ILE B 51 -17.03 -10.42 -7.67
N ILE B 52 -16.54 -11.57 -7.22
CA ILE B 52 -15.47 -11.63 -6.25
C ILE B 52 -14.13 -11.23 -6.82
N PHE B 53 -13.74 -11.89 -7.89
CA PHE B 53 -12.46 -11.69 -8.51
C PHE B 53 -12.49 -10.72 -9.70
N GLY B 54 -13.64 -10.16 -10.05
CA GLY B 54 -13.74 -9.26 -11.21
C GLY B 54 -12.96 -9.80 -12.42
N ASN B 55 -12.15 -8.95 -13.05
CA ASN B 55 -11.42 -9.37 -14.25
C ASN B 55 -9.96 -9.71 -13.98
N ILE B 56 -9.67 -10.22 -12.80
CA ILE B 56 -8.29 -10.43 -12.36
C ILE B 56 -7.58 -11.51 -13.18
N GLN B 57 -8.32 -12.47 -13.70
CA GLN B 57 -7.80 -13.43 -14.67
C GLN B 57 -7.17 -12.71 -15.84
N GLU B 58 -7.86 -11.69 -16.34
CA GLU B 58 -7.46 -10.98 -17.54
C GLU B 58 -6.22 -10.10 -17.25
N ILE B 59 -6.20 -9.55 -16.05
CA ILE B 59 -5.08 -8.76 -15.58
C ILE B 59 -3.86 -9.65 -15.42
N TYR B 60 -4.06 -10.82 -14.78
CA TYR B 60 -2.99 -11.80 -14.70
C TYR B 60 -2.48 -12.20 -16.10
N ASP B 61 -3.38 -12.42 -17.05
CA ASP B 61 -2.94 -12.98 -18.32
C ASP B 61 -2.08 -11.97 -19.02
N PHE B 62 -2.48 -10.71 -18.89
CA PHE B 62 -1.76 -9.58 -19.44
C PHE B 62 -0.32 -9.51 -18.91
N HIS B 63 -0.21 -9.40 -17.60
CA HIS B 63 1.08 -9.39 -16.95
C HIS B 63 1.90 -10.64 -17.17
N ASN B 64 1.25 -11.79 -17.25
CA ASN B 64 1.99 -13.05 -17.30
C ASN B 64 2.38 -13.44 -18.72
N ASN B 65 1.57 -13.08 -19.71
CA ASN B 65 1.89 -13.44 -21.10
C ASN B 65 2.70 -12.35 -21.77
N ILE B 66 2.39 -11.09 -21.46
CA ILE B 66 3.00 -9.96 -22.13
C ILE B 66 3.91 -9.07 -21.28
N PHE B 67 3.34 -8.45 -20.25
CA PHE B 67 3.95 -7.25 -19.70
C PHE B 67 5.27 -7.50 -19.00
N LEU B 68 5.34 -8.58 -18.23
CA LEU B 68 6.56 -8.99 -17.59
C LEU B 68 7.62 -9.37 -18.63
N LYS B 69 7.25 -10.06 -19.72
CA LYS B 69 8.23 -10.40 -20.77
C LYS B 69 8.82 -9.09 -21.32
N GLU B 70 7.97 -8.10 -21.54
CA GLU B 70 8.40 -6.86 -22.12
C GLU B 70 9.19 -5.97 -21.16
N LEU B 71 8.79 -5.86 -19.89
CA LEU B 71 9.64 -5.11 -18.94
C LEU B 71 11.02 -5.71 -18.87
N GLU B 72 11.11 -7.02 -18.86
CA GLU B 72 12.39 -7.68 -18.84
C GLU B 72 13.31 -7.23 -19.95
N LYS B 73 12.74 -6.98 -21.13
CA LYS B 73 13.54 -6.59 -22.27
C LYS B 73 14.16 -5.20 -22.11
N TYR B 74 13.52 -4.38 -21.31
CA TYR B 74 14.02 -3.08 -20.94
C TYR B 74 14.99 -3.14 -19.73
N GLU B 75 15.48 -4.30 -19.28
CA GLU B 75 16.27 -4.32 -18.02
C GLU B 75 17.50 -3.44 -18.11
N GLN B 76 18.17 -3.48 -19.26
CA GLN B 76 19.33 -2.66 -19.50
C GLN B 76 18.94 -1.32 -20.19
N LEU B 77 17.68 -0.92 -20.14
CA LEU B 77 17.23 0.29 -20.81
C LEU B 77 16.35 1.09 -19.92
N PRO B 78 16.73 1.24 -18.64
CA PRO B 78 15.82 1.91 -17.71
C PRO B 78 15.26 3.24 -18.20
N GLU B 79 16.11 4.06 -18.78
CA GLU B 79 15.68 5.39 -19.28
C GLU B 79 14.57 5.37 -20.35
N ASP B 80 14.40 4.23 -21.01
CA ASP B 80 13.37 4.03 -22.05
C ASP B 80 12.09 3.31 -21.60
N VAL B 81 12.04 2.87 -20.36
CA VAL B 81 11.04 1.92 -19.95
C VAL B 81 9.65 2.51 -19.91
N GLY B 82 9.55 3.83 -19.90
CA GLY B 82 8.26 4.50 -20.09
C GLY B 82 7.56 4.12 -21.39
N HIS B 83 8.33 3.79 -22.43
CA HIS B 83 7.74 3.41 -23.70
C HIS B 83 6.90 2.11 -23.61
N CYS B 84 7.37 1.18 -22.77
CA CYS B 84 6.67 -0.05 -22.41
C CYS B 84 5.26 0.20 -22.02
N PHE B 85 5.06 1.21 -21.20
CA PHE B 85 3.73 1.56 -20.76
C PHE B 85 2.91 2.19 -21.88
N VAL B 86 3.56 2.98 -22.72
CA VAL B 86 2.87 3.62 -23.84
C VAL B 86 2.33 2.55 -24.78
N THR B 87 3.24 1.71 -25.26
CA THR B 87 2.90 0.52 -26.03
C THR B 87 1.67 -0.22 -25.53
N TRP B 88 1.59 -0.45 -24.22
CA TRP B 88 0.56 -1.32 -23.67
C TRP B 88 -0.54 -0.57 -22.91
N ALA B 89 -0.66 0.72 -23.16
CA ALA B 89 -1.65 1.53 -22.46
C ALA B 89 -3.07 0.98 -22.45
N ASP B 90 -3.56 0.48 -23.57
CA ASP B 90 -4.95 0.02 -23.65
C ASP B 90 -5.25 -1.11 -22.69
N LYS B 91 -4.30 -2.03 -22.55
CA LYS B 91 -4.41 -3.13 -21.59
C LYS B 91 -4.65 -2.62 -20.17
N PHE B 92 -4.12 -1.46 -19.80
CA PHE B 92 -4.27 -0.98 -18.44
C PHE B 92 -5.65 -0.45 -18.16
N GLN B 93 -6.44 -0.28 -19.21
CA GLN B 93 -7.83 0.06 -19.02
C GLN B 93 -8.55 -1.00 -18.19
N MET B 94 -8.06 -2.25 -18.18
CA MET B 94 -8.69 -3.29 -17.37
C MET B 94 -8.56 -3.13 -15.86
N TYR B 95 -7.68 -2.25 -15.41
CA TYR B 95 -7.69 -1.85 -14.02
C TYR B 95 -8.93 -1.01 -13.71
N VAL B 96 -9.48 -0.32 -14.70
CA VAL B 96 -10.65 0.54 -14.48
C VAL B 96 -11.84 -0.34 -14.13
N THR B 97 -12.08 -1.34 -14.96
CA THR B 97 -13.08 -2.37 -14.66
C THR B 97 -12.90 -3.02 -13.29
N TYR B 98 -11.65 -3.28 -12.93
CA TYR B 98 -11.35 -4.04 -11.70
C TYR B 98 -11.72 -3.25 -10.45
N CYS B 99 -11.32 -1.98 -10.44
CA CYS B 99 -11.53 -1.11 -9.30
C CYS B 99 -13.01 -0.85 -9.10
N LYS B 100 -13.71 -0.50 -10.18
CA LYS B 100 -15.19 -0.42 -10.19
C LYS B 100 -15.86 -1.52 -9.42
N ASN B 101 -15.40 -2.73 -9.62
CA ASN B 101 -16.04 -3.93 -9.06
C ASN B 101 -15.62 -4.23 -7.60
N LYS B 102 -14.59 -3.59 -7.11
CA LYS B 102 -13.93 -4.02 -5.88
C LYS B 102 -14.84 -3.91 -4.63
N PRO B 103 -15.55 -2.78 -4.49
CA PRO B 103 -16.50 -2.69 -3.36
C PRO B 103 -17.53 -3.82 -3.38
N ASP B 104 -18.14 -4.04 -4.54
CA ASP B 104 -19.08 -5.16 -4.69
C ASP B 104 -18.44 -6.47 -4.28
N SER B 105 -17.21 -6.72 -4.75
CA SER B 105 -16.48 -7.89 -4.31
C SER B 105 -16.37 -7.91 -2.81
N ASN B 106 -15.99 -6.77 -2.21
CA ASN B 106 -15.71 -6.79 -0.79
C ASN B 106 -16.96 -7.05 0.05
N GLN B 107 -18.06 -6.36 -0.23
CA GLN B 107 -19.29 -6.57 0.53
C GLN B 107 -19.73 -8.05 0.43
N LEU B 108 -19.83 -8.52 -0.81
CA LEU B 108 -20.14 -9.91 -1.06
C LEU B 108 -19.41 -10.87 -0.13
N ILE B 109 -18.12 -10.64 0.09
CA ILE B 109 -17.29 -11.54 0.91
C ILE B 109 -17.66 -11.47 2.38
N LEU B 110 -17.94 -10.27 2.88
CA LEU B 110 -18.40 -10.12 4.25
C LEU B 110 -19.69 -10.83 4.49
N GLU B 111 -20.68 -10.47 3.67
CA GLU B 111 -22.05 -10.80 3.95
C GLU B 111 -22.41 -12.23 3.68
N HIS B 112 -21.60 -12.95 2.91
CA HIS B 112 -22.07 -14.23 2.34
C HIS B 112 -21.08 -15.41 2.26
N ALA B 113 -19.82 -15.20 2.64
CA ALA B 113 -18.84 -16.25 2.55
C ALA B 113 -18.38 -16.81 3.87
N GLY B 114 -18.80 -16.18 4.97
CA GLY B 114 -18.35 -16.55 6.30
C GLY B 114 -16.87 -16.90 6.24
N THR B 115 -16.53 -18.13 6.60
CA THR B 115 -15.13 -18.49 6.78
C THR B 115 -14.67 -19.38 5.63
N PHE B 116 -15.35 -19.26 4.50
CA PHE B 116 -15.05 -20.16 3.40
C PHE B 116 -13.61 -19.97 2.99
N PHE B 117 -13.25 -18.70 2.75
CA PHE B 117 -11.92 -18.30 2.30
C PHE B 117 -10.86 -18.37 3.40
N ASP B 118 -11.28 -18.07 4.62
CA ASP B 118 -10.46 -18.35 5.82
C ASP B 118 -10.08 -19.83 5.94
N GLU B 119 -11.05 -20.71 5.70
CA GLU B 119 -10.76 -22.15 5.70
C GLU B 119 -9.69 -22.44 4.64
N ILE B 120 -9.86 -21.94 3.42
CA ILE B 120 -8.90 -22.22 2.32
C ILE B 120 -7.52 -21.63 2.62
N GLN B 121 -7.51 -20.38 3.05
CA GLN B 121 -6.27 -19.76 3.51
C GLN B 121 -5.54 -20.68 4.46
N GLN B 122 -6.27 -21.12 5.49
CA GLN B 122 -5.72 -21.94 6.57
C GLN B 122 -5.20 -23.27 6.00
N ARG B 123 -6.07 -23.94 5.24
CA ARG B 123 -5.75 -25.17 4.52
C ARG B 123 -4.43 -25.04 3.76
N HIS B 124 -4.35 -24.08 2.85
CA HIS B 124 -3.13 -23.90 2.04
C HIS B 124 -1.95 -23.27 2.78
N GLY B 125 -2.18 -22.58 3.90
CA GLY B 125 -1.07 -22.05 4.72
C GLY B 125 -0.49 -20.78 4.14
N LEU B 126 -1.40 -19.93 3.67
CA LEU B 126 -1.06 -18.67 3.05
C LEU B 126 -1.05 -17.58 4.12
N ALA B 127 0.03 -16.81 4.10
CA ALA B 127 0.09 -15.56 4.82
C ALA B 127 -0.92 -14.47 4.33
N ASN B 128 -1.30 -14.47 3.05
CA ASN B 128 -2.23 -13.46 2.53
C ASN B 128 -3.66 -13.96 2.46
N SER B 129 -4.58 -13.15 2.97
CA SER B 129 -5.98 -13.48 2.96
C SER B 129 -6.43 -13.25 1.57
N ILE B 130 -7.63 -13.71 1.25
CA ILE B 130 -8.15 -13.37 -0.03
C ILE B 130 -8.25 -11.86 -0.15
N SER B 131 -8.57 -11.14 0.91
CA SER B 131 -8.64 -9.68 0.83
C SER B 131 -7.30 -9.01 0.52
N SER B 132 -6.24 -9.57 1.07
CA SER B 132 -4.89 -9.11 0.79
C SER B 132 -4.52 -9.33 -0.68
N TYR B 133 -4.83 -10.49 -1.24
CA TYR B 133 -4.59 -10.69 -2.65
C TYR B 133 -5.40 -9.75 -3.52
N LEU B 134 -6.64 -9.47 -3.15
CA LEU B 134 -7.54 -8.70 -4.03
C LEU B 134 -7.35 -7.18 -4.04
N ILE B 135 -6.69 -6.65 -3.03
CA ILE B 135 -6.27 -5.26 -3.07
C ILE B 135 -5.06 -5.04 -3.99
N LYS B 136 -4.28 -6.09 -4.31
CA LYS B 136 -2.98 -5.93 -5.01
C LYS B 136 -3.00 -5.22 -6.38
N PRO B 137 -4.00 -5.54 -7.21
CA PRO B 137 -4.12 -4.79 -8.47
C PRO B 137 -4.33 -3.30 -8.30
N VAL B 138 -4.98 -2.92 -7.22
CA VAL B 138 -5.22 -1.51 -6.93
C VAL B 138 -3.88 -0.92 -6.49
N GLN B 139 -3.15 -1.67 -5.66
CA GLN B 139 -1.87 -1.20 -5.22
C GLN B 139 -0.98 -1.05 -6.44
N ARG B 140 -0.90 -2.11 -7.24
CA ARG B 140 0.06 -2.15 -8.33
C ARG B 140 -0.13 -1.04 -9.34
N VAL B 141 -1.39 -0.69 -9.60
CA VAL B 141 -1.70 0.27 -10.62
C VAL B 141 -1.32 1.69 -10.21
N THR B 142 -1.23 1.93 -8.91
CA THR B 142 -0.80 3.23 -8.41
C THR B 142 0.70 3.28 -8.15
N LYS B 143 1.35 2.15 -8.18
CA LYS B 143 2.74 2.03 -7.81
C LYS B 143 3.65 2.26 -9.00
N TYR B 144 3.21 1.86 -10.18
CA TYR B 144 4.00 2.12 -11.38
C TYR B 144 4.43 3.59 -11.56
N GLN B 145 3.49 4.50 -11.34
CA GLN B 145 3.79 5.92 -11.44
C GLN B 145 4.88 6.35 -10.45
N LEU B 146 4.91 5.77 -9.26
CA LEU B 146 6.01 6.05 -8.33
C LEU B 146 7.38 5.70 -8.90
N LEU B 147 7.47 4.50 -9.47
CA LEU B 147 8.71 4.01 -10.05
C LEU B 147 9.19 4.88 -11.19
N LEU B 148 8.27 5.39 -11.99
CA LEU B 148 8.64 6.25 -13.11
C LEU B 148 9.14 7.61 -12.64
N LYS B 149 8.49 8.17 -11.62
CA LYS B 149 8.99 9.39 -10.97
C LYS B 149 10.41 9.19 -10.45
N GLU B 150 10.64 8.13 -9.72
CA GLU B 150 11.99 7.83 -9.34
C GLU B 150 12.99 7.81 -10.50
N LEU B 151 12.63 7.16 -11.62
CA LEU B 151 13.51 7.19 -12.79
C LEU B 151 13.76 8.61 -13.32
N LEU B 152 12.71 9.41 -13.36
CA LEU B 152 12.85 10.81 -13.72
C LEU B 152 13.81 11.63 -12.85
N THR B 153 13.98 11.27 -11.59
CA THR B 153 14.96 11.99 -10.75
C THR B 153 16.42 11.68 -11.08
N CYS B 154 16.69 10.65 -11.87
CA CYS B 154 18.07 10.23 -12.12
C CYS B 154 18.37 9.82 -13.59
N CYS B 155 17.55 10.29 -14.53
CA CYS B 155 17.81 10.13 -15.97
C CYS B 155 17.82 11.48 -16.67
N GLU B 156 18.70 11.60 -17.69
CA GLU B 156 18.99 12.88 -18.37
C GLU B 156 17.81 13.37 -19.20
N GLU B 157 18.07 14.36 -20.08
CA GLU B 157 17.07 14.81 -21.06
C GLU B 157 16.78 13.80 -22.21
N GLY B 158 17.51 12.67 -22.27
CA GLY B 158 17.00 11.44 -22.93
C GLY B 158 16.01 10.78 -21.98
N LYS B 159 14.86 11.44 -21.81
CA LYS B 159 13.84 11.05 -20.81
C LYS B 159 12.46 11.77 -20.98
N GLY B 160 12.00 11.90 -22.24
CA GLY B 160 10.57 11.94 -22.57
C GLY B 160 10.10 10.53 -22.91
N GLU B 161 11.07 9.59 -23.03
CA GLU B 161 10.85 8.14 -22.88
C GLU B 161 10.56 7.66 -21.46
N LEU B 162 10.39 8.59 -20.52
CA LEU B 162 9.75 8.34 -19.26
C LEU B 162 8.49 9.18 -19.17
N LYS B 163 8.61 10.48 -19.44
CA LYS B 163 7.50 11.43 -19.36
C LYS B 163 6.15 10.95 -19.92
N ASP B 164 6.19 10.31 -21.09
CA ASP B 164 4.96 9.82 -21.71
C ASP B 164 4.44 8.54 -21.05
N GLY B 165 5.36 7.66 -20.66
CA GLY B 165 5.03 6.52 -19.82
C GLY B 165 4.32 6.94 -18.54
N LEU B 166 4.89 7.90 -17.86
CA LEU B 166 4.33 8.42 -16.61
C LEU B 166 2.95 9.02 -16.80
N GLU B 167 2.79 9.79 -17.88
CA GLU B 167 1.51 10.41 -18.19
C GLU B 167 0.42 9.37 -18.32
N VAL B 168 0.75 8.27 -18.98
CA VAL B 168 -0.17 7.13 -19.08
C VAL B 168 -0.49 6.57 -17.70
N MET B 169 0.55 6.35 -16.90
CA MET B 169 0.38 5.74 -15.59
C MET B 169 -0.12 6.68 -14.50
N LEU B 170 -0.27 7.94 -14.85
CA LEU B 170 -1.00 8.85 -14.00
C LEU B 170 -2.45 8.82 -14.40
N SER B 171 -2.70 8.72 -15.71
CA SER B 171 -4.07 8.75 -16.26
C SER B 171 -4.92 7.52 -15.97
N VAL B 172 -4.31 6.34 -16.02
CA VAL B 172 -5.00 5.07 -15.71
C VAL B 172 -5.64 5.13 -14.31
N PRO B 173 -4.83 5.23 -13.21
CA PRO B 173 -5.42 5.30 -11.88
C PRO B 173 -6.44 6.41 -11.68
N LYS B 174 -6.22 7.56 -12.30
CA LYS B 174 -7.19 8.65 -12.22
C LYS B 174 -8.50 8.26 -12.84
N LYS B 175 -8.44 7.63 -14.01
CA LYS B 175 -9.64 7.17 -14.69
C LYS B 175 -10.32 6.11 -13.84
N ALA B 176 -9.53 5.21 -13.27
CA ALA B 176 -10.07 4.21 -12.35
C ALA B 176 -10.74 4.89 -11.13
N ASN B 177 -10.04 5.85 -10.56
CA ASN B 177 -10.51 6.60 -9.42
C ASN B 177 -11.84 7.27 -9.76
N ASP B 178 -11.89 7.95 -10.89
CA ASP B 178 -13.06 8.73 -11.28
C ASP B 178 -14.22 7.88 -11.74
N ALA B 179 -13.96 6.60 -12.04
CA ALA B 179 -15.01 5.62 -12.32
C ALA B 179 -15.80 5.07 -11.11
N MET B 180 -15.37 5.34 -9.88
CA MET B 180 -15.97 4.70 -8.71
C MET B 180 -17.33 5.32 -8.36
N HIS B 181 -18.25 4.48 -7.84
CA HIS B 181 -19.64 4.89 -7.51
C HIS B 181 -19.69 5.52 -6.14
#